data_7DEX
#
_entry.id   7DEX
#
_cell.length_a   51.858
_cell.length_b   117.894
_cell.length_c   184.058
_cell.angle_alpha   90.000
_cell.angle_beta   90.000
_cell.angle_gamma   90.000
#
_symmetry.space_group_name_H-M   'I 2 2 2'
#
loop_
_entity.id
_entity.type
_entity.pdbx_description
1 polymer 'Anthocyanin 5-aromatic acyltransferase'
2 non-polymer 'S-[2-[3-[[(2R)-4-[[[(2R,3S,4R,5R)-5-(6-aminopurin-9-yl)-4-oxidanyl-3-phosphonooxy-oxolan-2-yl]methoxy-oxidanyl-phosphoryl]oxy-oxidanyl-phosphoryl]oxy-3,3-dimethyl-2-oxidanyl-butanoyl]amino]propanoylamino]ethyl] (E)-3-[3,4-bis(oxidanyl)phenyl]prop-2-enethioate'
3 water water
#
_entity_poly.entity_id   1
_entity_poly.type   'polypeptide(L)'
_entity_poly.pdbx_seq_one_letter_code
;MEQIQMVKVLEKCQVTPPSDTTDVELSLPVTFFDIPWLHLNKMQSLLFYDFPYPRTHFLDTVIPNLKASLSLTLKHYVPL
SGNLLMPIKSGEMPKFQYSRDEGDSITLIVAESDQDFDYLKGHQLVDSNDLHGLFYVMPRVIRTMQDYKVIPLVAVQVTV
FPNRGIAVALTAHASIADAKSFVMFINAWAYINKFGKDADLLSANLLPSFDRSIIKDLYGLEETFWNEMQDVLEMFSRFG
SKPPRFNKVRATYVLSLAEIQKLKNKVLNLRGSEPTIRVTTFTMTCGYVWTCMVKSKDDVVSEESSNDENELEYFSFTAD
CRGLLTPPCPPNYFGNCLASCVAKATHKELVGDKGLLVAVAAIGEAIEKRLHNEKGVLADAKTWLSESNGIPSKRFLGIT
GSPKFDSYGVDFGWGKPAKFDITSVDYAELIYVIQSRDFEKGVEIGVSLPKIHMDAFAKIFEEGF
;
_entity_poly.pdbx_strand_id   A
#
# COMPACT_ATOMS: atom_id res chain seq x y z
N MET A 6 4.44 1.34 24.75
CA MET A 6 3.62 0.42 25.53
C MET A 6 3.65 -0.99 24.96
N VAL A 7 4.57 -1.24 24.02
CA VAL A 7 4.74 -2.54 23.38
C VAL A 7 6.02 -3.18 23.89
N LYS A 8 5.90 -4.34 24.50
CA LYS A 8 7.05 -5.07 25.00
C LYS A 8 7.33 -6.25 24.09
N VAL A 9 8.60 -6.42 23.71
CA VAL A 9 9.00 -7.51 22.83
C VAL A 9 9.29 -8.76 23.65
N LEU A 10 8.58 -9.85 23.33
CA LEU A 10 8.78 -11.15 23.97
C LEU A 10 9.79 -12.03 23.23
N GLU A 11 9.91 -11.92 21.90
CA GLU A 11 10.81 -12.81 21.18
C GLU A 11 11.07 -12.28 19.78
N LYS A 12 12.31 -12.45 19.34
CA LYS A 12 12.72 -12.16 17.97
C LYS A 12 13.30 -13.43 17.39
N CYS A 13 12.68 -13.96 16.34
CA CYS A 13 13.24 -15.13 15.67
C CYS A 13 13.18 -14.95 14.16
N GLN A 14 13.76 -15.91 13.44
CA GLN A 14 13.93 -15.84 12.00
C GLN A 14 13.12 -16.95 11.36
N VAL A 15 12.38 -16.63 10.31
CA VAL A 15 11.57 -17.60 9.61
C VAL A 15 12.13 -17.77 8.21
N THR A 16 12.29 -19.02 7.78
CA THR A 16 12.91 -19.38 6.52
C THR A 16 11.99 -20.31 5.77
N PRO A 17 12.19 -20.50 4.46
CA PRO A 17 11.46 -21.54 3.75
C PRO A 17 11.90 -22.91 4.23
N PRO A 18 11.14 -23.96 3.95
CA PRO A 18 11.58 -25.31 4.30
C PRO A 18 12.93 -25.63 3.65
N SER A 19 13.78 -26.35 4.40
CA SER A 19 15.10 -26.72 3.90
C SER A 19 15.00 -27.61 2.67
N ASP A 20 14.03 -28.54 2.67
CA ASP A 20 13.88 -29.51 1.59
C ASP A 20 13.40 -28.84 0.30
N THR A 21 12.08 -28.86 0.05
CA THR A 21 11.51 -28.34 -1.19
C THR A 21 11.71 -26.82 -1.31
N THR A 22 12.93 -26.43 -1.66
CA THR A 22 13.37 -25.06 -1.95
C THR A 22 14.75 -25.26 -2.59
N ASP A 23 15.40 -24.17 -2.98
CA ASP A 23 16.73 -24.28 -3.56
C ASP A 23 17.65 -23.20 -3.02
N VAL A 24 18.94 -23.54 -2.91
CA VAL A 24 19.93 -22.72 -2.24
C VAL A 24 20.05 -21.32 -2.83
N GLU A 25 19.43 -21.06 -3.98
CA GLU A 25 19.63 -19.78 -4.65
C GLU A 25 18.42 -19.44 -5.51
N LEU A 26 18.14 -18.12 -5.60
CA LEU A 26 17.03 -17.65 -6.43
C LEU A 26 17.27 -16.17 -6.74
N SER A 27 17.81 -15.90 -7.94
CA SER A 27 18.01 -14.53 -8.40
C SER A 27 16.78 -14.08 -9.18
N LEU A 28 16.13 -13.04 -8.69
CA LEU A 28 14.99 -12.48 -9.40
C LEU A 28 15.38 -11.14 -9.99
N PRO A 29 15.07 -10.86 -11.26
CA PRO A 29 15.48 -9.59 -11.86
C PRO A 29 14.56 -8.46 -11.43
N VAL A 30 15.11 -7.25 -11.46
CA VAL A 30 14.37 -6.03 -11.17
C VAL A 30 13.91 -5.45 -12.50
N THR A 31 12.59 -5.32 -12.68
CA THR A 31 12.07 -4.79 -13.93
C THR A 31 11.99 -3.27 -13.86
N PHE A 32 11.77 -2.64 -15.01
CA PHE A 32 11.63 -1.18 -15.02
C PHE A 32 10.44 -0.73 -14.18
N PHE A 33 9.49 -1.63 -13.91
CA PHE A 33 8.36 -1.32 -13.03
C PHE A 33 8.83 -1.12 -11.59
N ASP A 34 9.83 -1.87 -11.15
CA ASP A 34 10.32 -1.82 -9.77
C ASP A 34 11.23 -0.62 -9.55
N ILE A 35 11.95 -0.17 -10.60
CA ILE A 35 12.91 0.91 -10.46
C ILE A 35 12.31 2.10 -9.71
N PRO A 36 11.11 2.59 -10.04
CA PRO A 36 10.63 3.81 -9.36
C PRO A 36 10.34 3.65 -7.86
N TRP A 37 10.27 2.43 -7.33
CA TRP A 37 9.92 2.24 -5.93
C TRP A 37 11.10 1.88 -5.04
N LEU A 38 12.33 1.81 -5.60
CA LEU A 38 13.49 1.24 -4.89
C LEU A 38 13.90 2.05 -3.67
N HIS A 39 13.44 3.28 -3.57
CA HIS A 39 13.76 4.09 -2.41
C HIS A 39 12.80 3.87 -1.25
N LEU A 40 11.66 3.22 -1.48
CA LEU A 40 10.65 3.08 -0.43
C LEU A 40 10.86 1.77 0.31
N ASN A 41 11.46 1.85 1.49
CA ASN A 41 11.82 0.64 2.22
C ASN A 41 10.75 0.27 3.25
N LYS A 42 9.62 0.98 3.29
CA LYS A 42 8.57 0.69 4.25
C LYS A 42 7.22 0.81 3.58
N MET A 43 6.57 -0.32 3.42
CA MET A 43 5.18 -0.42 3.01
C MET A 43 4.54 -1.23 4.11
N GLN A 44 3.50 -0.68 4.73
CA GLN A 44 3.07 -1.16 6.02
C GLN A 44 1.61 -1.57 5.98
N SER A 45 1.32 -2.78 6.45
CA SER A 45 -0.01 -3.36 6.45
C SER A 45 -0.28 -3.87 7.85
N LEU A 46 -1.28 -3.29 8.50
CA LEU A 46 -1.61 -3.65 9.86
C LEU A 46 -2.98 -4.30 9.88
N LEU A 47 -3.09 -5.46 10.50
CA LEU A 47 -4.36 -6.17 10.64
C LEU A 47 -4.69 -6.43 12.12
N PHE A 48 -5.91 -6.08 12.53
CA PHE A 48 -6.38 -6.31 13.90
C PHE A 48 -7.43 -7.42 13.93
N TYR A 49 -7.36 -8.24 14.97
CA TYR A 49 -8.22 -9.40 15.14
C TYR A 49 -8.76 -9.43 16.57
N ASP A 50 -10.07 -9.50 16.70
CA ASP A 50 -10.65 -9.86 18.00
C ASP A 50 -10.12 -11.24 18.39
N PHE A 51 -9.60 -11.35 19.61
CA PHE A 51 -9.00 -12.60 20.09
C PHE A 51 -9.17 -12.72 21.58
N PRO A 52 -10.36 -13.06 22.03
CA PRO A 52 -10.65 -13.12 23.48
C PRO A 52 -10.23 -14.46 24.08
N TYR A 53 -8.91 -14.63 24.22
CA TYR A 53 -8.29 -15.86 24.69
C TYR A 53 -7.06 -15.50 25.51
N PRO A 54 -6.60 -16.39 26.36
CA PRO A 54 -5.50 -16.02 27.27
C PRO A 54 -4.19 -15.93 26.51
N ARG A 55 -3.29 -15.11 27.08
CA ARG A 55 -1.96 -14.95 26.53
C ARG A 55 -1.20 -16.27 26.44
N THR A 56 -1.49 -17.24 27.31
CA THR A 56 -0.81 -18.52 27.15
C THR A 56 -1.23 -19.21 25.86
N HIS A 57 -2.51 -19.10 25.48
CA HIS A 57 -2.94 -19.72 24.23
C HIS A 57 -2.26 -19.07 23.03
N PHE A 58 -2.08 -17.75 23.07
CA PHE A 58 -1.28 -17.06 22.07
C PHE A 58 0.11 -17.68 21.92
N LEU A 59 0.86 -17.79 23.02
CA LEU A 59 2.26 -18.19 22.91
C LEU A 59 2.45 -19.69 22.72
N ASP A 60 1.55 -20.51 23.25
CA ASP A 60 1.75 -21.95 23.14
C ASP A 60 1.02 -22.55 21.94
N THR A 61 0.18 -21.79 21.25
CA THR A 61 -0.52 -22.36 20.10
C THR A 61 -0.49 -21.44 18.89
N VAL A 62 -0.90 -20.19 19.07
CA VAL A 62 -1.03 -19.28 17.92
C VAL A 62 0.34 -19.03 17.32
N ILE A 63 1.27 -18.50 18.11
CA ILE A 63 2.61 -18.18 17.63
C ILE A 63 3.28 -19.38 16.96
N PRO A 64 3.36 -20.56 17.60
CA PRO A 64 3.99 -21.70 16.90
C PRO A 64 3.35 -21.98 15.57
N ASN A 65 2.03 -21.95 15.45
CA ASN A 65 1.39 -22.22 14.17
C ASN A 65 1.74 -21.16 13.13
N LEU A 66 1.74 -19.88 13.53
CA LEU A 66 2.08 -18.81 12.59
C LEU A 66 3.49 -18.99 12.06
N LYS A 67 4.44 -19.32 12.94
CA LYS A 67 5.80 -19.60 12.49
C LYS A 67 5.84 -20.77 11.52
N ALA A 68 5.01 -21.79 11.76
CA ALA A 68 4.95 -22.92 10.84
C ALA A 68 4.30 -22.51 9.51
N SER A 69 3.18 -21.76 9.55
CA SER A 69 2.50 -21.49 8.28
C SER A 69 3.31 -20.51 7.44
N LEU A 70 3.93 -19.51 8.07
CA LEU A 70 4.77 -18.60 7.30
C LEU A 70 5.86 -19.36 6.55
N SER A 71 6.47 -20.34 7.22
CA SER A 71 7.52 -21.10 6.55
C SER A 71 6.94 -21.91 5.41
N LEU A 72 5.80 -22.58 5.64
CA LEU A 72 5.17 -23.33 4.58
C LEU A 72 4.85 -22.43 3.39
N THR A 73 4.30 -21.24 3.68
CA THR A 73 3.98 -20.26 2.65
C THR A 73 5.23 -19.84 1.87
N LEU A 74 6.38 -19.76 2.54
CA LEU A 74 7.57 -19.22 1.89
C LEU A 74 8.11 -20.16 0.82
N LYS A 75 7.71 -21.43 0.84
CA LYS A 75 8.06 -22.32 -0.25
C LYS A 75 7.54 -21.80 -1.59
N HIS A 76 6.41 -21.08 -1.58
CA HIS A 76 5.84 -20.47 -2.78
C HIS A 76 6.20 -19.01 -2.96
N TYR A 77 6.82 -18.37 -1.97
CA TYR A 77 7.16 -16.95 -2.05
C TYR A 77 8.60 -16.74 -1.65
N VAL A 78 9.48 -17.63 -2.12
CA VAL A 78 10.91 -17.67 -1.81
C VAL A 78 11.55 -16.28 -1.88
N PRO A 79 11.23 -15.44 -2.89
CA PRO A 79 11.93 -14.15 -2.95
C PRO A 79 11.60 -13.24 -1.79
N LEU A 80 10.43 -13.39 -1.16
CA LEU A 80 10.09 -12.58 0.02
C LEU A 80 10.96 -12.92 1.21
N SER A 81 11.60 -14.07 1.18
CA SER A 81 12.50 -14.47 2.25
C SER A 81 13.90 -13.96 2.05
N GLY A 82 14.20 -13.39 0.89
CA GLY A 82 15.50 -12.91 0.53
C GLY A 82 15.61 -11.42 0.71
N ASN A 83 16.50 -10.81 -0.07
CA ASN A 83 16.77 -9.38 0.05
C ASN A 83 16.81 -8.73 -1.32
N LEU A 84 16.97 -7.42 -1.31
CA LEU A 84 17.22 -6.60 -2.48
C LEU A 84 18.66 -6.13 -2.45
N LEU A 85 19.40 -6.44 -3.52
CA LEU A 85 20.80 -6.05 -3.68
C LEU A 85 20.86 -4.75 -4.46
N MET A 86 21.32 -3.69 -3.81
CA MET A 86 21.42 -2.37 -4.44
C MET A 86 22.86 -2.15 -4.86
N PRO A 87 23.14 -1.97 -6.15
CA PRO A 87 24.52 -1.95 -6.61
C PRO A 87 25.30 -0.85 -5.91
N ILE A 88 26.48 -1.22 -5.44
CA ILE A 88 27.37 -0.25 -4.82
C ILE A 88 28.33 0.36 -5.85
N LYS A 89 28.55 -0.31 -6.98
CA LYS A 89 29.46 0.19 -8.01
C LYS A 89 28.68 0.61 -9.26
N SER A 90 29.11 1.72 -9.87
CA SER A 90 28.45 2.24 -11.06
C SER A 90 28.49 1.20 -12.18
N GLY A 91 27.53 1.31 -13.11
CA GLY A 91 27.40 0.34 -14.19
C GLY A 91 26.99 -1.06 -13.78
N GLU A 92 26.35 -1.21 -12.63
CA GLU A 92 25.75 -2.47 -12.18
C GLU A 92 24.28 -2.22 -11.90
N MET A 93 23.45 -3.25 -12.10
CA MET A 93 22.02 -3.05 -11.90
C MET A 93 21.49 -3.80 -10.68
N PRO A 94 20.45 -3.28 -10.05
CA PRO A 94 19.84 -3.98 -8.90
C PRO A 94 19.32 -5.36 -9.27
N LYS A 95 19.21 -6.21 -8.25
CA LYS A 95 18.53 -7.48 -8.42
C LYS A 95 18.00 -7.90 -7.07
N PHE A 96 17.17 -8.93 -7.08
CA PHE A 96 16.68 -9.59 -5.87
C PHE A 96 17.33 -10.96 -5.73
N GLN A 97 17.54 -11.40 -4.48
CA GLN A 97 18.16 -12.70 -4.27
C GLN A 97 17.76 -13.34 -2.95
N TYR A 98 17.51 -14.64 -3.01
CA TYR A 98 17.40 -15.48 -1.83
C TYR A 98 18.58 -16.45 -1.79
N SER A 99 19.35 -16.41 -0.71
CA SER A 99 20.48 -17.32 -0.55
C SER A 99 20.31 -18.12 0.73
N ARG A 100 19.96 -19.40 0.59
CA ARG A 100 19.82 -20.24 1.78
C ARG A 100 21.16 -20.39 2.51
N ASP A 101 22.28 -20.43 1.79
CA ASP A 101 23.59 -20.50 2.41
C ASP A 101 23.97 -19.23 3.15
N GLU A 102 23.26 -18.13 2.93
CA GLU A 102 23.50 -16.93 3.70
C GLU A 102 22.58 -16.81 4.90
N GLY A 103 21.65 -17.75 5.06
CA GLY A 103 20.68 -17.64 6.12
C GLY A 103 19.56 -16.64 5.88
N ASP A 104 19.36 -16.16 4.65
CA ASP A 104 18.33 -15.15 4.36
C ASP A 104 16.98 -15.58 4.96
N SER A 105 16.33 -14.66 5.68
CA SER A 105 15.12 -15.02 6.41
C SER A 105 14.27 -13.79 6.73
N ILE A 106 13.03 -14.06 7.11
CA ILE A 106 12.11 -13.02 7.57
C ILE A 106 12.20 -12.95 9.09
N THR A 107 12.45 -11.75 9.60
CA THR A 107 12.37 -11.47 11.03
C THR A 107 10.92 -11.45 11.46
N LEU A 108 10.61 -12.28 12.46
CA LEU A 108 9.31 -12.29 13.08
C LEU A 108 9.45 -11.86 14.53
N ILE A 109 8.71 -10.82 14.92
CA ILE A 109 8.74 -10.27 16.28
C ILE A 109 7.47 -10.71 16.98
N VAL A 110 7.62 -11.23 18.20
CA VAL A 110 6.51 -11.62 19.06
C VAL A 110 6.43 -10.60 20.18
N ALA A 111 5.32 -9.88 20.29
CA ALA A 111 5.29 -8.77 21.24
C ALA A 111 3.97 -8.80 22.03
N GLU A 112 3.87 -7.85 22.96
CA GLU A 112 2.73 -7.72 23.86
C GLU A 112 2.49 -6.23 24.11
N SER A 113 1.22 -5.85 24.27
CA SER A 113 0.91 -4.45 24.53
C SER A 113 -0.20 -4.33 25.56
N ASP A 114 -0.15 -3.25 26.32
CA ASP A 114 -1.19 -2.91 27.28
C ASP A 114 -2.08 -1.78 26.82
N GLN A 115 -1.86 -1.22 25.62
CA GLN A 115 -2.78 -0.23 25.07
C GLN A 115 -4.16 -0.85 24.91
N ASP A 116 -5.18 0.02 24.78
CA ASP A 116 -6.55 -0.45 24.68
C ASP A 116 -6.82 -0.94 23.25
N PHE A 117 -7.23 -2.19 23.13
CA PHE A 117 -7.35 -2.82 21.82
C PHE A 117 -8.53 -2.24 21.02
N ASP A 118 -9.71 -2.08 21.67
CA ASP A 118 -10.90 -1.54 20.99
C ASP A 118 -10.64 -0.14 20.44
N TYR A 119 -9.85 0.65 21.15
CA TYR A 119 -9.40 1.95 20.65
C TYR A 119 -8.58 1.77 19.36
N LEU A 120 -7.56 0.90 19.38
CA LEU A 120 -6.62 0.84 18.27
C LEU A 120 -7.26 0.36 16.96
N LYS A 121 -8.25 -0.53 17.01
CA LYS A 121 -8.93 -0.98 15.79
C LYS A 121 -10.14 -0.13 15.44
N GLY A 122 -10.37 0.98 16.14
CA GLY A 122 -11.60 1.73 15.95
C GLY A 122 -11.59 2.61 14.71
N HIS A 123 -12.80 3.06 14.34
CA HIS A 123 -12.94 3.92 13.18
C HIS A 123 -12.82 5.40 13.50
N GLN A 124 -12.94 5.80 14.76
CA GLN A 124 -12.76 7.21 15.12
C GLN A 124 -11.29 7.44 15.44
N LEU A 125 -10.94 8.69 15.77
CA LEU A 125 -9.54 9.11 15.74
C LEU A 125 -8.60 8.18 16.51
N VAL A 126 -7.41 7.97 15.95
CA VAL A 126 -6.34 7.23 16.62
C VAL A 126 -5.05 7.99 16.41
N ASP A 127 -4.23 8.09 17.44
CA ASP A 127 -2.92 8.70 17.28
C ASP A 127 -2.09 7.83 16.35
N SER A 128 -1.49 8.45 15.31
CA SER A 128 -0.77 7.65 14.31
C SER A 128 0.38 6.89 14.94
N ASN A 129 1.06 7.52 15.91
CA ASN A 129 2.22 6.89 16.54
C ASN A 129 1.85 5.59 17.27
N ASP A 130 0.59 5.46 17.71
CA ASP A 130 0.19 4.19 18.32
C ASP A 130 0.17 3.07 17.29
N LEU A 131 -0.31 3.35 16.08
CA LEU A 131 -0.30 2.36 15.00
C LEU A 131 1.12 1.99 14.60
N HIS A 132 1.96 3.01 14.32
CA HIS A 132 3.35 2.76 13.93
C HIS A 132 4.14 2.07 15.03
N GLY A 133 3.74 2.21 16.30
CA GLY A 133 4.44 1.52 17.34
C GLY A 133 4.19 0.02 17.38
N LEU A 134 3.27 -0.50 16.58
CA LEU A 134 3.10 -1.93 16.50
C LEU A 134 4.01 -2.59 15.45
N PHE A 135 4.83 -1.82 14.73
CA PHE A 135 5.65 -2.37 13.65
C PHE A 135 7.10 -2.60 14.07
N TYR A 136 7.71 -3.59 13.45
CA TYR A 136 9.14 -3.81 13.63
C TYR A 136 9.93 -2.93 12.67
N VAL A 137 10.97 -2.28 13.19
CA VAL A 137 11.85 -1.42 12.42
C VAL A 137 12.96 -2.27 11.79
N MET A 138 12.89 -2.44 10.47
CA MET A 138 13.91 -3.26 9.81
C MET A 138 15.20 -2.49 9.61
N PRO A 139 16.34 -3.16 9.58
CA PRO A 139 17.60 -2.48 9.26
C PRO A 139 17.61 -2.02 7.82
N ARG A 140 18.36 -0.95 7.56
CA ARG A 140 18.48 -0.47 6.19
C ARG A 140 19.36 -1.40 5.37
N VAL A 141 20.47 -1.83 5.92
CA VAL A 141 21.40 -2.73 5.25
C VAL A 141 21.90 -3.76 6.26
N ILE A 142 21.73 -5.05 5.95
CA ILE A 142 22.12 -6.10 6.90
C ILE A 142 23.48 -6.70 6.59
N ARG A 143 24.11 -6.34 5.48
CA ARG A 143 25.30 -7.03 5.03
C ARG A 143 25.78 -6.32 3.78
N THR A 144 27.06 -6.44 3.49
CA THR A 144 27.64 -5.74 2.35
C THR A 144 28.62 -6.66 1.65
N MET A 145 28.27 -7.07 0.45
CA MET A 145 29.14 -7.87 -0.38
C MET A 145 30.07 -6.96 -1.17
N GLN A 146 30.65 -7.46 -2.26
CA GLN A 146 31.58 -6.68 -3.05
C GLN A 146 30.85 -5.75 -4.00
N ASP A 147 29.82 -6.25 -4.70
CA ASP A 147 29.09 -5.45 -5.68
C ASP A 147 27.95 -4.62 -5.09
N TYR A 148 27.18 -5.15 -4.13
CA TYR A 148 25.98 -4.48 -3.68
C TYR A 148 25.84 -4.49 -2.16
N LYS A 149 24.93 -3.65 -1.68
CA LYS A 149 24.50 -3.68 -0.28
C LYS A 149 23.18 -4.44 -0.18
N VAL A 150 23.06 -5.28 0.84
CA VAL A 150 21.93 -6.20 0.96
C VAL A 150 20.85 -5.57 1.85
N ILE A 151 19.62 -5.49 1.32
CA ILE A 151 18.52 -4.77 1.95
C ILE A 151 17.37 -5.74 2.19
N PRO A 152 16.89 -5.88 3.42
CA PRO A 152 15.83 -6.86 3.70
C PRO A 152 14.52 -6.48 3.04
N LEU A 153 13.65 -7.48 2.87
CA LEU A 153 12.43 -7.32 2.10
C LEU A 153 11.16 -7.37 2.93
N VAL A 154 11.04 -8.30 3.88
CA VAL A 154 9.83 -8.44 4.69
C VAL A 154 10.21 -8.75 6.12
N ALA A 155 9.49 -8.14 7.06
CA ALA A 155 9.51 -8.48 8.48
C ALA A 155 8.10 -8.33 9.03
N VAL A 156 7.69 -9.20 9.95
CA VAL A 156 6.38 -9.11 10.56
C VAL A 156 6.49 -9.13 12.10
N GLN A 157 5.73 -8.24 12.75
CA GLN A 157 5.58 -8.23 14.19
C GLN A 157 4.16 -8.64 14.55
N VAL A 158 4.02 -9.63 15.43
CA VAL A 158 2.72 -10.05 15.93
C VAL A 158 2.64 -9.67 17.39
N THR A 159 1.67 -8.81 17.71
CA THR A 159 1.49 -8.24 19.05
C THR A 159 0.18 -8.77 19.62
N VAL A 160 0.21 -9.07 20.92
CA VAL A 160 -0.93 -9.65 21.60
C VAL A 160 -1.41 -8.68 22.66
N PHE A 161 -2.69 -8.42 22.66
CA PHE A 161 -3.34 -7.57 23.64
C PHE A 161 -4.06 -8.58 24.51
N PRO A 162 -3.53 -8.88 25.72
CA PRO A 162 -3.94 -10.09 26.43
C PRO A 162 -5.44 -10.14 26.68
N ASN A 163 -6.05 -11.28 26.35
CA ASN A 163 -7.48 -11.57 26.48
C ASN A 163 -8.39 -10.79 25.54
N ARG A 164 -7.85 -9.90 24.70
CA ARG A 164 -8.68 -9.08 23.84
C ARG A 164 -8.41 -9.28 22.36
N GLY A 165 -7.17 -9.15 21.90
CA GLY A 165 -6.96 -9.27 20.46
C GLY A 165 -5.52 -9.48 20.05
N ILE A 166 -5.30 -9.36 18.74
CA ILE A 166 -4.02 -9.59 18.07
C ILE A 166 -3.85 -8.58 16.95
N ALA A 167 -2.62 -8.09 16.77
CA ALA A 167 -2.24 -7.20 15.69
C ALA A 167 -1.09 -7.84 14.90
N VAL A 168 -1.29 -7.99 13.59
CA VAL A 168 -0.28 -8.53 12.67
C VAL A 168 0.20 -7.35 11.83
N ALA A 169 1.47 -6.99 12.01
CA ALA A 169 2.01 -5.77 11.42
C ALA A 169 3.15 -6.14 10.48
N LEU A 170 2.88 -6.13 9.17
CA LEU A 170 3.87 -6.47 8.15
C LEU A 170 4.51 -5.22 7.57
N THR A 171 5.83 -5.28 7.38
CA THR A 171 6.58 -4.24 6.68
C THR A 171 7.25 -4.89 5.48
N ALA A 172 7.08 -4.29 4.30
CA ALA A 172 7.68 -4.85 3.10
C ALA A 172 8.34 -3.74 2.30
N HIS A 173 9.48 -4.05 1.70
CA HIS A 173 10.06 -3.10 0.77
C HIS A 173 9.11 -2.88 -0.40
N ALA A 174 9.01 -1.64 -0.88
CA ALA A 174 8.04 -1.36 -1.95
C ALA A 174 8.47 -2.05 -3.24
N SER A 175 9.77 -2.31 -3.38
CA SER A 175 10.29 -2.75 -4.65
C SER A 175 9.86 -4.18 -4.95
N ILE A 176 9.63 -4.99 -3.91
CA ILE A 176 9.30 -6.40 -4.16
C ILE A 176 7.83 -6.61 -4.52
N ALA A 177 6.93 -5.73 -4.08
CA ALA A 177 5.52 -6.01 -4.33
C ALA A 177 4.72 -4.72 -4.34
N ASP A 178 3.65 -4.71 -5.15
CA ASP A 178 2.65 -3.67 -5.07
C ASP A 178 1.55 -4.19 -4.16
N ALA A 179 0.50 -3.39 -3.96
CA ALA A 179 -0.57 -3.78 -3.02
C ALA A 179 -1.22 -5.10 -3.43
N LYS A 180 -1.56 -5.25 -4.71
CA LYS A 180 -2.18 -6.50 -5.20
C LYS A 180 -1.35 -7.72 -4.81
N SER A 181 -0.04 -7.68 -5.11
CA SER A 181 0.82 -8.83 -4.86
C SER A 181 0.94 -9.10 -3.37
N PHE A 182 1.16 -8.06 -2.57
CA PHE A 182 1.40 -8.30 -1.16
C PHE A 182 0.15 -8.82 -0.45
N VAL A 183 -1.03 -8.28 -0.77
CA VAL A 183 -2.27 -8.78 -0.20
C VAL A 183 -2.46 -10.26 -0.52
N MET A 184 -2.11 -10.69 -1.75
CA MET A 184 -2.14 -12.11 -2.09
C MET A 184 -1.20 -12.90 -1.19
N PHE A 185 -0.08 -12.31 -0.80
CA PHE A 185 0.84 -13.02 0.08
C PHE A 185 0.26 -13.17 1.48
N ILE A 186 -0.40 -12.13 2.01
CA ILE A 186 -1.00 -12.24 3.34
C ILE A 186 -2.12 -13.27 3.33
N ASN A 187 -2.92 -13.26 2.28
CA ASN A 187 -4.02 -14.20 2.19
C ASN A 187 -3.49 -15.63 2.09
N ALA A 188 -2.40 -15.84 1.35
CA ALA A 188 -1.79 -17.16 1.27
C ALA A 188 -1.27 -17.61 2.62
N TRP A 189 -0.52 -16.73 3.31
CA TRP A 189 -0.09 -17.05 4.67
C TRP A 189 -1.27 -17.46 5.55
N ALA A 190 -2.33 -16.66 5.59
CA ALA A 190 -3.43 -16.97 6.49
C ALA A 190 -4.15 -18.23 6.04
N TYR A 191 -4.31 -18.41 4.73
CA TYR A 191 -5.01 -19.56 4.20
C TYR A 191 -4.33 -20.86 4.60
N ILE A 192 -3.00 -20.92 4.46
CA ILE A 192 -2.25 -22.11 4.86
C ILE A 192 -2.34 -22.32 6.36
N ASN A 193 -2.24 -21.25 7.14
CA ASN A 193 -2.39 -21.34 8.59
C ASN A 193 -3.79 -21.78 8.99
N LYS A 194 -4.80 -21.44 8.20
CA LYS A 194 -6.17 -21.80 8.52
C LYS A 194 -6.50 -23.23 8.15
N PHE A 195 -5.93 -23.77 7.06
CA PHE A 195 -6.29 -25.08 6.54
C PHE A 195 -5.11 -26.05 6.46
N GLY A 196 -3.96 -25.72 7.03
CA GLY A 196 -2.85 -26.65 7.03
C GLY A 196 -2.02 -26.66 5.77
N LYS A 197 -1.12 -27.65 5.70
CA LYS A 197 -0.04 -27.60 4.71
C LYS A 197 -0.54 -27.97 3.32
N ASP A 198 -1.50 -28.88 3.23
CA ASP A 198 -1.97 -29.34 1.94
C ASP A 198 -3.09 -28.48 1.37
N ALA A 199 -3.38 -27.35 2.01
CA ALA A 199 -4.35 -26.39 1.48
C ALA A 199 -4.06 -26.09 0.01
N ASP A 200 -5.11 -25.90 -0.78
CA ASP A 200 -4.96 -25.73 -2.22
C ASP A 200 -4.89 -24.24 -2.53
N LEU A 201 -3.67 -23.72 -2.59
CA LEU A 201 -3.49 -22.31 -2.95
C LEU A 201 -4.04 -22.01 -4.34
N LEU A 202 -3.82 -22.93 -5.29
CA LEU A 202 -4.30 -22.79 -6.66
C LEU A 202 -5.80 -22.53 -6.73
N SER A 203 -6.59 -23.42 -6.12
CA SER A 203 -8.05 -23.28 -6.16
C SER A 203 -8.51 -22.01 -5.46
N ALA A 204 -7.73 -21.49 -4.51
CA ALA A 204 -8.02 -20.21 -3.87
C ALA A 204 -7.41 -19.00 -4.60
N ASN A 205 -6.71 -19.22 -5.73
CA ASN A 205 -6.06 -18.14 -6.48
C ASN A 205 -5.03 -17.38 -5.64
N LEU A 206 -4.22 -18.12 -4.89
CA LEU A 206 -3.22 -17.57 -3.99
C LEU A 206 -1.80 -18.02 -4.34
N LEU A 207 -1.61 -18.46 -5.56
CA LEU A 207 -0.31 -18.90 -6.06
C LEU A 207 0.28 -17.81 -6.93
N PRO A 208 1.51 -17.38 -6.67
CA PRO A 208 2.07 -16.28 -7.45
C PRO A 208 2.87 -16.79 -8.62
N SER A 209 3.25 -15.89 -9.50
CA SER A 209 4.15 -16.19 -10.58
C SER A 209 5.32 -15.24 -10.48
N PHE A 210 6.53 -15.78 -10.46
CA PHE A 210 7.74 -14.97 -10.43
C PHE A 210 8.50 -15.01 -11.75
N ASP A 211 7.86 -15.45 -12.85
CA ASP A 211 8.50 -15.46 -14.16
C ASP A 211 8.51 -14.06 -14.75
N ARG A 212 9.67 -13.45 -14.83
CA ARG A 212 9.82 -12.12 -15.38
C ARG A 212 10.43 -12.15 -16.77
N SER A 213 10.59 -13.33 -17.35
CA SER A 213 11.04 -13.45 -18.74
C SER A 213 10.03 -12.87 -19.71
N ILE A 214 8.77 -12.75 -19.29
CA ILE A 214 7.71 -12.16 -20.09
C ILE A 214 7.68 -10.63 -19.98
N ILE A 215 8.11 -10.05 -18.87
CA ILE A 215 8.08 -8.59 -18.81
C ILE A 215 9.21 -8.09 -19.70
N LYS A 216 8.87 -7.47 -20.83
CA LYS A 216 9.87 -6.99 -21.77
C LYS A 216 9.91 -5.47 -21.75
N ASP A 217 11.12 -4.92 -21.77
CA ASP A 217 11.32 -3.48 -21.77
C ASP A 217 11.64 -3.01 -23.19
N LEU A 218 10.61 -3.04 -24.04
CA LEU A 218 10.81 -2.65 -25.43
C LEU A 218 10.96 -1.14 -25.62
N TYR A 219 10.88 -0.31 -24.57
CA TYR A 219 11.05 1.13 -24.71
C TYR A 219 12.30 1.66 -24.01
N GLY A 220 13.17 0.80 -23.51
CA GLY A 220 14.34 1.32 -22.81
C GLY A 220 14.01 2.15 -21.59
N LEU A 221 12.90 1.83 -20.93
CA LEU A 221 12.55 2.57 -19.73
C LEU A 221 13.49 2.25 -18.57
N GLU A 222 13.98 1.02 -18.52
CA GLU A 222 14.92 0.59 -17.49
C GLU A 222 16.10 1.57 -17.36
N GLU A 223 16.85 1.78 -18.44
CA GLU A 223 17.94 2.77 -18.39
C GLU A 223 17.42 4.15 -18.03
N THR A 224 16.23 4.50 -18.53
CA THR A 224 15.68 5.83 -18.36
C THR A 224 15.25 6.05 -16.92
N PHE A 225 14.62 5.04 -16.32
CA PHE A 225 14.17 5.15 -14.95
C PHE A 225 15.34 5.09 -13.99
N TRP A 226 16.27 4.15 -14.23
CA TRP A 226 17.42 3.99 -13.35
C TRP A 226 18.19 5.30 -13.23
N ASN A 227 18.47 5.94 -14.38
CA ASN A 227 19.25 7.17 -14.34
C ASN A 227 18.52 8.26 -13.57
N GLU A 228 17.20 8.33 -13.70
CA GLU A 228 16.39 9.31 -12.99
C GLU A 228 16.21 8.98 -11.52
N MET A 229 16.38 7.73 -11.11
CA MET A 229 16.20 7.40 -9.71
C MET A 229 17.45 7.65 -8.88
N GLN A 230 18.59 7.92 -9.52
CA GLN A 230 19.83 8.10 -8.76
C GLN A 230 19.67 9.18 -7.69
N ASP A 231 19.07 10.31 -8.06
CA ASP A 231 18.96 11.41 -7.11
C ASP A 231 18.08 11.02 -5.94
N VAL A 232 16.87 10.51 -6.22
CA VAL A 232 15.94 10.11 -5.16
C VAL A 232 16.59 9.08 -4.24
N LEU A 233 17.36 8.15 -4.80
CA LEU A 233 17.91 7.06 -3.98
C LEU A 233 18.87 7.60 -2.92
N GLU A 234 19.66 8.63 -3.25
CA GLU A 234 20.65 9.14 -2.32
C GLU A 234 20.02 9.98 -1.21
N MET A 235 18.95 10.72 -1.53
CA MET A 235 18.13 11.33 -0.48
C MET A 235 17.71 10.28 0.54
N PHE A 236 16.89 9.35 0.12
CA PHE A 236 16.43 8.27 0.98
C PHE A 236 17.55 7.33 1.41
N SER A 237 18.84 7.58 1.10
CA SER A 237 19.91 6.67 1.50
C SER A 237 20.24 6.81 2.99
N ARG A 238 20.38 8.05 3.45
CA ARG A 238 20.75 8.35 4.82
C ARG A 238 19.57 8.93 5.60
N PHE A 239 18.38 8.37 5.42
CA PHE A 239 17.21 8.87 6.12
C PHE A 239 16.76 7.87 7.18
N GLY A 240 16.31 8.41 8.32
CA GLY A 240 16.07 7.64 9.52
C GLY A 240 15.21 6.42 9.35
N SER A 241 15.76 5.25 9.69
CA SER A 241 14.99 4.02 9.64
C SER A 241 13.89 3.96 10.70
N LYS A 242 13.96 4.81 11.75
CA LYS A 242 13.02 4.75 12.87
C LYS A 242 11.81 5.64 12.59
N PRO A 243 10.61 5.21 12.95
CA PRO A 243 9.40 5.99 12.64
C PRO A 243 9.51 7.38 13.22
N PRO A 244 9.42 8.41 12.38
CA PRO A 244 9.36 9.79 12.87
C PRO A 244 8.18 9.97 13.81
N ARG A 245 8.27 10.99 14.66
CA ARG A 245 7.17 11.28 15.59
C ARG A 245 6.07 11.96 14.79
N PHE A 246 5.09 11.19 14.36
CA PHE A 246 4.06 11.72 13.47
C PHE A 246 3.17 12.71 14.21
N ASN A 247 2.75 13.75 13.48
CA ASN A 247 1.82 14.73 14.03
C ASN A 247 0.47 14.56 13.36
N LYS A 248 -0.04 13.33 13.30
CA LYS A 248 -1.25 13.09 12.55
C LYS A 248 -2.11 12.06 13.28
N VAL A 249 -3.39 12.07 12.97
CA VAL A 249 -4.34 11.15 13.56
C VAL A 249 -5.01 10.38 12.43
N ARG A 250 -5.33 9.13 12.72
CA ARG A 250 -6.06 8.31 11.79
C ARG A 250 -7.54 8.44 12.07
N ALA A 251 -8.31 8.61 11.00
CA ALA A 251 -9.76 8.46 10.99
C ALA A 251 -10.15 7.61 9.78
N THR A 252 -11.20 6.80 9.95
CA THR A 252 -11.71 5.93 8.90
C THR A 252 -13.16 6.26 8.56
N TYR A 253 -13.47 6.30 7.26
CA TYR A 253 -14.81 6.56 6.75
C TYR A 253 -15.26 5.40 5.90
N VAL A 254 -16.55 5.07 5.98
CA VAL A 254 -17.11 3.92 5.30
C VAL A 254 -18.21 4.41 4.37
N LEU A 255 -18.06 4.15 3.07
CA LEU A 255 -19.08 4.49 2.07
C LEU A 255 -19.77 3.21 1.62
N SER A 256 -21.03 3.04 2.00
CA SER A 256 -21.80 1.92 1.46
C SER A 256 -21.97 2.06 -0.05
N LEU A 257 -22.40 0.96 -0.69
CA LEU A 257 -22.77 1.02 -2.09
C LEU A 257 -23.97 1.93 -2.34
N ALA A 258 -24.86 2.07 -1.36
CA ALA A 258 -25.91 3.08 -1.44
C ALA A 258 -25.33 4.50 -1.37
N GLU A 259 -24.43 4.76 -0.43
CA GLU A 259 -23.83 6.08 -0.38
C GLU A 259 -22.97 6.37 -1.60
N ILE A 260 -22.44 5.34 -2.24
CA ILE A 260 -21.73 5.54 -3.50
C ILE A 260 -22.70 5.96 -4.58
N GLN A 261 -23.89 5.36 -4.58
CA GLN A 261 -24.91 5.74 -5.54
C GLN A 261 -25.33 7.19 -5.39
N LYS A 262 -25.51 7.65 -4.15
CA LYS A 262 -25.87 9.05 -3.91
C LYS A 262 -24.86 10.01 -4.52
N LEU A 263 -23.59 9.64 -4.51
CA LEU A 263 -22.55 10.48 -5.06
C LEU A 263 -22.55 10.44 -6.60
N LYS A 264 -22.89 9.29 -7.20
CA LYS A 264 -22.95 9.24 -8.66
C LYS A 264 -24.11 10.09 -9.16
N ASN A 265 -25.27 9.98 -8.50
CA ASN A 265 -26.44 10.76 -8.90
C ASN A 265 -26.24 12.24 -8.63
N LYS A 266 -25.41 12.60 -7.65
CA LYS A 266 -25.10 14.00 -7.46
C LYS A 266 -24.21 14.53 -8.60
N VAL A 267 -23.35 13.69 -9.15
CA VAL A 267 -22.55 14.06 -10.33
C VAL A 267 -23.43 14.12 -11.59
N LEU A 268 -24.41 13.22 -11.74
CA LEU A 268 -25.28 13.23 -12.92
C LEU A 268 -26.27 14.41 -12.89
N ASN A 269 -26.60 14.93 -11.72
CA ASN A 269 -27.45 16.09 -11.62
C ASN A 269 -26.69 17.41 -11.75
N LEU A 270 -25.39 17.41 -11.46
CA LEU A 270 -24.54 18.56 -11.71
C LEU A 270 -24.13 18.63 -13.17
N ARG A 271 -23.87 17.47 -13.76
CA ARG A 271 -23.50 17.37 -15.16
C ARG A 271 -24.42 18.23 -16.01
N GLY A 272 -25.73 17.98 -15.93
CA GLY A 272 -26.71 18.72 -16.68
C GLY A 272 -26.30 18.84 -18.13
N SER A 273 -26.26 17.71 -18.84
CA SER A 273 -25.90 17.66 -20.25
C SER A 273 -24.42 17.98 -20.45
N GLU A 274 -23.54 16.99 -20.25
CA GLU A 274 -22.11 17.18 -20.37
C GLU A 274 -21.48 15.89 -20.91
N PRO A 275 -20.24 15.95 -21.44
CA PRO A 275 -19.60 14.74 -21.97
C PRO A 275 -19.66 13.56 -21.02
N THR A 276 -20.22 12.43 -21.45
CA THR A 276 -20.32 11.21 -20.63
C THR A 276 -19.05 10.97 -19.81
N ILE A 277 -19.13 11.14 -18.51
CA ILE A 277 -17.99 10.93 -17.62
C ILE A 277 -18.08 9.53 -17.05
N ARG A 278 -16.95 8.84 -17.06
CA ARG A 278 -16.91 7.53 -16.44
C ARG A 278 -16.93 7.66 -14.93
N VAL A 279 -17.87 6.98 -14.28
CA VAL A 279 -18.01 7.07 -12.84
C VAL A 279 -18.01 5.66 -12.27
N THR A 280 -16.94 5.31 -11.59
CA THR A 280 -16.81 4.06 -10.89
C THR A 280 -16.87 4.35 -9.41
N THR A 281 -16.89 3.28 -8.61
CA THR A 281 -16.62 3.42 -7.19
C THR A 281 -15.28 4.13 -6.97
N PHE A 282 -14.23 3.71 -7.68
CA PHE A 282 -12.92 4.33 -7.50
C PHE A 282 -12.95 5.81 -7.80
N THR A 283 -13.41 6.18 -9.01
CA THR A 283 -13.43 7.60 -9.37
C THR A 283 -14.34 8.40 -8.44
N MET A 284 -15.52 7.85 -8.12
CA MET A 284 -16.45 8.51 -7.21
C MET A 284 -15.86 8.69 -5.81
N THR A 285 -15.25 7.62 -5.27
CA THR A 285 -14.67 7.68 -3.93
C THR A 285 -13.52 8.68 -3.87
N CYS A 286 -12.56 8.54 -4.79
CA CYS A 286 -11.43 9.44 -4.85
C CYS A 286 -11.85 10.86 -5.18
N GLY A 287 -12.79 11.01 -6.12
CA GLY A 287 -13.40 12.29 -6.40
C GLY A 287 -13.92 12.96 -5.15
N TYR A 288 -14.82 12.27 -4.45
CA TYR A 288 -15.41 12.83 -3.24
C TYR A 288 -14.33 13.17 -2.21
N VAL A 289 -13.41 12.23 -1.92
CA VAL A 289 -12.41 12.50 -0.90
C VAL A 289 -11.48 13.63 -1.34
N TRP A 290 -11.23 13.74 -2.63
CA TRP A 290 -10.35 14.80 -3.11
C TRP A 290 -10.98 16.16 -2.90
N THR A 291 -12.28 16.27 -3.23
CA THR A 291 -12.97 17.53 -3.01
C THR A 291 -12.98 17.92 -1.53
N CYS A 292 -13.40 17.00 -0.65
CA CYS A 292 -13.41 17.31 0.78
C CYS A 292 -12.04 17.73 1.27
N MET A 293 -10.98 17.10 0.75
CA MET A 293 -9.63 17.39 1.21
C MET A 293 -9.20 18.80 0.79
N VAL A 294 -9.57 19.22 -0.42
CA VAL A 294 -9.18 20.54 -0.90
C VAL A 294 -9.97 21.62 -0.18
N LYS A 295 -11.25 21.33 0.13
CA LYS A 295 -12.06 22.24 0.92
C LYS A 295 -11.54 22.38 2.35
N SER A 296 -11.20 21.25 2.98
CA SER A 296 -10.73 21.30 4.36
C SER A 296 -9.47 22.14 4.51
N LYS A 297 -8.58 22.09 3.51
CA LYS A 297 -7.41 22.98 3.49
C LYS A 297 -7.79 24.45 3.47
N ASP A 298 -8.99 24.79 3.02
CA ASP A 298 -9.52 26.17 3.05
C ASP A 298 -10.11 26.53 4.40
N ASP A 299 -10.90 25.62 5.00
CA ASP A 299 -11.53 25.90 6.28
C ASP A 299 -10.52 26.10 7.40
N VAL A 300 -9.33 25.54 7.26
CA VAL A 300 -8.21 25.82 8.18
C VAL A 300 -7.54 27.12 7.72
N VAL A 301 -8.31 27.95 6.99
CA VAL A 301 -8.04 29.33 6.56
C VAL A 301 -6.55 29.61 6.28
N SER A 302 -6.22 29.71 4.99
CA SER A 302 -4.88 30.05 4.54
C SER A 302 -4.80 31.56 4.29
N GLU A 303 -3.72 32.18 4.77
CA GLU A 303 -3.60 33.64 4.75
C GLU A 303 -3.23 34.17 3.38
N GLU A 304 -3.54 33.42 2.31
CA GLU A 304 -3.30 33.84 0.94
C GLU A 304 -4.60 34.11 0.20
N SER A 305 -5.57 34.73 0.90
CA SER A 305 -6.86 35.17 0.38
C SER A 305 -7.41 34.25 -0.70
N SER A 306 -7.70 34.81 -1.88
CA SER A 306 -8.08 34.05 -3.07
C SER A 306 -6.95 33.94 -4.09
N ASN A 307 -5.76 34.48 -3.78
CA ASN A 307 -4.58 34.45 -4.64
C ASN A 307 -4.33 33.08 -5.28
N ASP A 308 -4.73 32.00 -4.61
CA ASP A 308 -4.41 30.65 -5.05
C ASP A 308 -5.46 30.06 -5.98
N GLU A 309 -6.74 30.30 -5.69
CA GLU A 309 -7.90 29.62 -6.29
C GLU A 309 -7.75 29.12 -7.73
N ASN A 310 -6.97 29.80 -8.56
CA ASN A 310 -6.77 29.37 -9.95
C ASN A 310 -5.61 28.40 -10.11
N GLU A 311 -4.87 28.12 -9.04
CA GLU A 311 -3.77 27.16 -9.01
C GLU A 311 -4.33 25.76 -9.09
N LEU A 312 -3.52 24.85 -9.58
CA LEU A 312 -3.94 23.48 -9.82
C LEU A 312 -3.78 22.62 -8.57
N GLU A 313 -4.78 21.78 -8.34
CA GLU A 313 -4.74 20.74 -7.33
C GLU A 313 -4.50 19.41 -8.04
N TYR A 314 -3.73 18.53 -7.42
CA TYR A 314 -3.27 17.28 -8.04
C TYR A 314 -3.69 16.08 -7.20
N PHE A 315 -4.17 15.05 -7.88
CA PHE A 315 -4.50 13.79 -7.26
C PHE A 315 -3.73 12.69 -7.97
N SER A 316 -2.86 12.01 -7.24
CA SER A 316 -1.94 11.03 -7.80
C SER A 316 -2.34 9.62 -7.36
N PHE A 317 -2.43 8.71 -8.33
CA PHE A 317 -2.80 7.31 -8.06
C PHE A 317 -2.08 6.41 -9.06
N THR A 318 -2.18 5.11 -8.82
CA THR A 318 -1.57 4.18 -9.74
C THR A 318 -2.64 3.26 -10.30
N ALA A 319 -2.25 2.48 -11.30
CA ALA A 319 -3.14 1.52 -11.92
C ALA A 319 -2.35 0.25 -12.25
N ASP A 320 -3.01 -0.90 -12.12
CA ASP A 320 -2.38 -2.18 -12.39
C ASP A 320 -2.33 -2.44 -13.90
N CYS A 321 -1.15 -2.72 -14.42
CA CYS A 321 -0.98 -2.90 -15.86
C CYS A 321 -0.90 -4.34 -16.32
N ARG A 322 -0.88 -5.31 -15.40
CA ARG A 322 -0.80 -6.73 -15.77
C ARG A 322 -1.61 -7.06 -17.02
N GLY A 323 -2.88 -6.62 -17.07
CA GLY A 323 -3.75 -6.98 -18.16
C GLY A 323 -3.61 -6.14 -19.41
N LEU A 324 -2.76 -5.11 -19.39
CA LEU A 324 -2.52 -4.23 -20.54
C LEU A 324 -1.19 -4.50 -21.24
N LEU A 325 -0.38 -5.42 -20.75
CA LEU A 325 0.97 -5.57 -21.24
C LEU A 325 0.99 -6.47 -22.47
N THR A 326 2.09 -6.35 -23.23
CA THR A 326 2.44 -7.26 -24.32
C THR A 326 3.92 -7.60 -24.26
N PRO A 327 4.27 -8.89 -24.20
CA PRO A 327 3.48 -10.12 -24.13
C PRO A 327 2.47 -10.12 -23.00
N PRO A 328 1.45 -10.96 -23.07
CA PRO A 328 0.51 -11.07 -21.95
C PRO A 328 1.26 -11.32 -20.65
N CYS A 329 0.72 -10.78 -19.55
CA CYS A 329 1.31 -10.89 -18.22
C CYS A 329 0.27 -11.51 -17.30
N PRO A 330 0.58 -12.63 -16.65
CA PRO A 330 -0.43 -13.35 -15.87
C PRO A 330 -1.01 -12.47 -14.77
N PRO A 331 -2.27 -12.69 -14.42
CA PRO A 331 -2.88 -11.87 -13.35
C PRO A 331 -2.21 -12.07 -12.00
N ASN A 332 -1.47 -13.18 -11.80
CA ASN A 332 -0.81 -13.49 -10.54
C ASN A 332 0.68 -13.16 -10.55
N TYR A 333 1.16 -12.50 -11.61
CA TYR A 333 2.50 -11.88 -11.59
C TYR A 333 2.75 -11.21 -10.25
N PHE A 334 3.77 -11.66 -9.54
CA PHE A 334 4.10 -11.09 -8.26
C PHE A 334 5.19 -10.07 -8.45
N GLY A 335 4.93 -8.84 -8.06
CA GLY A 335 5.87 -7.77 -8.17
C GLY A 335 5.13 -6.49 -8.43
N ASN A 336 5.89 -5.47 -8.83
CA ASN A 336 5.31 -4.20 -9.23
C ASN A 336 4.88 -4.25 -10.69
N CYS A 337 3.76 -3.61 -10.96
CA CYS A 337 3.24 -3.51 -12.31
C CYS A 337 2.27 -2.35 -12.35
N LEU A 338 2.74 -1.18 -11.92
CA LEU A 338 1.90 0.00 -11.78
C LEU A 338 2.25 1.01 -12.84
N ALA A 339 1.22 1.73 -13.31
CA ALA A 339 1.38 2.97 -14.06
C ALA A 339 1.01 4.15 -13.17
N SER A 340 1.65 5.29 -13.41
CA SER A 340 1.34 6.53 -12.71
C SER A 340 0.28 7.35 -13.44
N CYS A 341 -0.74 7.76 -12.70
CA CYS A 341 -1.79 8.61 -13.21
C CYS A 341 -1.89 9.82 -12.29
N VAL A 342 -2.21 10.96 -12.87
CA VAL A 342 -2.27 12.20 -12.10
C VAL A 342 -3.47 12.98 -12.61
N ALA A 343 -4.43 13.25 -11.74
CA ALA A 343 -5.52 14.12 -12.11
C ALA A 343 -5.18 15.53 -11.66
N LYS A 344 -5.69 16.53 -12.38
CA LYS A 344 -5.49 17.91 -11.96
C LYS A 344 -6.72 18.75 -12.27
N ALA A 345 -7.03 19.67 -11.36
CA ALA A 345 -8.08 20.66 -11.59
C ALA A 345 -7.74 21.93 -10.83
N THR A 346 -8.44 23.01 -11.17
CA THR A 346 -8.20 24.29 -10.49
C THR A 346 -8.83 24.28 -9.11
N HIS A 347 -8.08 24.83 -8.14
CA HIS A 347 -8.54 24.92 -6.77
C HIS A 347 -9.96 25.48 -6.67
N LYS A 348 -10.18 26.63 -7.31
CA LYS A 348 -11.50 27.26 -7.24
C LYS A 348 -12.60 26.35 -7.77
N GLU A 349 -12.28 25.48 -8.72
CA GLU A 349 -13.32 24.67 -9.32
C GLU A 349 -13.67 23.49 -8.43
N LEU A 350 -12.66 22.93 -7.76
CA LEU A 350 -12.88 21.85 -6.79
C LEU A 350 -13.73 22.32 -5.61
N VAL A 351 -13.50 23.53 -5.12
CA VAL A 351 -14.29 24.01 -3.98
C VAL A 351 -15.65 24.53 -4.41
N GLY A 352 -15.82 24.86 -5.69
CA GLY A 352 -17.05 25.45 -6.18
C GLY A 352 -18.23 24.52 -6.13
N ASP A 353 -19.33 24.95 -6.77
CA ASP A 353 -20.62 24.28 -6.65
C ASP A 353 -20.71 22.99 -7.43
N LYS A 354 -19.74 22.72 -8.31
CA LYS A 354 -19.66 21.50 -9.10
C LYS A 354 -18.34 20.77 -8.93
N GLY A 355 -17.53 21.17 -7.95
CA GLY A 355 -16.29 20.50 -7.58
C GLY A 355 -16.26 18.98 -7.63
N LEU A 356 -17.26 18.33 -7.04
CA LEU A 356 -17.36 16.88 -7.15
C LEU A 356 -17.30 16.44 -8.62
N LEU A 357 -18.07 17.11 -9.50
CA LEU A 357 -18.07 16.77 -10.93
C LEU A 357 -16.71 17.06 -11.57
N VAL A 358 -16.08 18.16 -11.18
CA VAL A 358 -14.74 18.48 -11.68
C VAL A 358 -13.75 17.39 -11.28
N ALA A 359 -13.82 16.91 -10.04
CA ALA A 359 -12.84 15.95 -9.57
C ALA A 359 -13.03 14.59 -10.25
N VAL A 360 -14.28 14.14 -10.38
CA VAL A 360 -14.53 12.85 -11.02
C VAL A 360 -14.08 12.87 -12.47
N ALA A 361 -14.40 13.95 -13.19
CA ALA A 361 -14.01 14.03 -14.59
C ALA A 361 -12.51 14.20 -14.73
N ALA A 362 -11.86 14.89 -13.79
CA ALA A 362 -10.41 15.01 -13.86
C ALA A 362 -9.74 13.66 -13.63
N ILE A 363 -10.29 12.85 -12.71
CA ILE A 363 -9.73 11.51 -12.47
C ILE A 363 -9.99 10.60 -13.68
N GLY A 364 -11.24 10.58 -14.17
CA GLY A 364 -11.54 9.75 -15.33
C GLY A 364 -10.75 10.16 -16.55
N GLU A 365 -10.43 11.44 -16.66
CA GLU A 365 -9.56 11.92 -17.71
C GLU A 365 -8.12 11.43 -17.54
N ALA A 366 -7.60 11.38 -16.31
CA ALA A 366 -6.25 10.87 -16.11
C ALA A 366 -6.16 9.39 -16.46
N ILE A 367 -7.15 8.58 -16.07
CA ILE A 367 -7.08 7.16 -16.43
C ILE A 367 -7.12 7.00 -17.94
N GLU A 368 -7.87 7.86 -18.63
CA GLU A 368 -8.02 7.72 -20.07
C GLU A 368 -6.74 8.14 -20.79
N LYS A 369 -6.02 9.11 -20.28
CA LYS A 369 -4.80 9.51 -20.98
C LYS A 369 -3.65 8.56 -20.74
N ARG A 370 -3.66 7.79 -19.64
CA ARG A 370 -2.59 6.85 -19.35
C ARG A 370 -2.87 5.45 -19.89
N LEU A 371 -4.07 4.94 -19.67
CA LEU A 371 -4.41 3.57 -20.04
C LEU A 371 -5.05 3.50 -21.41
N HIS A 372 -6.11 4.28 -21.62
CA HIS A 372 -6.87 4.28 -22.86
C HIS A 372 -6.07 4.87 -24.01
N ASN A 373 -4.86 5.34 -23.75
CA ASN A 373 -3.98 5.72 -24.83
C ASN A 373 -3.85 4.57 -25.82
N GLU A 374 -3.83 4.89 -27.10
CA GLU A 374 -3.40 3.90 -28.06
C GLU A 374 -1.90 3.66 -27.86
N LYS A 375 -1.31 2.78 -28.68
CA LYS A 375 0.08 2.35 -28.55
C LYS A 375 0.28 1.50 -27.29
N GLY A 376 -0.24 1.95 -26.14
CA GLY A 376 -0.19 1.17 -24.93
C GLY A 376 -0.01 2.01 -23.69
N VAL A 377 0.01 1.35 -22.52
CA VAL A 377 0.26 2.08 -21.27
C VAL A 377 1.66 2.65 -21.26
N LEU A 378 2.61 1.95 -21.86
CA LEU A 378 3.99 2.40 -21.86
C LEU A 378 4.23 3.49 -22.89
N ALA A 379 3.24 3.78 -23.73
CA ALA A 379 3.35 4.80 -24.76
C ALA A 379 3.96 6.08 -24.22
N ASP A 380 3.46 6.53 -23.07
CA ASP A 380 3.90 7.76 -22.45
C ASP A 380 4.75 7.50 -21.20
N ALA A 381 5.23 6.27 -21.02
CA ALA A 381 5.82 5.88 -19.76
C ALA A 381 7.08 6.67 -19.43
N LYS A 382 7.79 7.16 -20.45
CA LYS A 382 9.07 7.85 -20.23
C LYS A 382 8.91 9.16 -19.45
N THR A 383 7.68 9.57 -19.16
CA THR A 383 7.46 10.77 -18.37
C THR A 383 6.82 10.50 -17.01
N TRP A 384 6.62 9.24 -16.63
CA TRP A 384 5.94 8.93 -15.38
C TRP A 384 6.65 9.54 -14.18
N LEU A 385 7.99 9.59 -14.22
CA LEU A 385 8.72 10.15 -13.09
C LEU A 385 8.82 11.67 -13.17
N SER A 386 9.22 12.19 -14.34
CA SER A 386 9.37 13.63 -14.49
C SER A 386 8.06 14.38 -14.28
N GLU A 387 6.92 13.70 -14.36
CA GLU A 387 5.63 14.35 -14.22
C GLU A 387 5.30 14.64 -12.75
N SER A 388 5.56 13.68 -11.87
CA SER A 388 5.22 13.83 -10.45
C SER A 388 6.19 14.74 -9.72
N ASN A 389 7.20 15.29 -10.37
CA ASN A 389 8.11 16.18 -9.65
C ASN A 389 7.64 17.63 -9.73
N GLY A 390 7.21 18.08 -10.89
CA GLY A 390 6.78 19.46 -11.01
C GLY A 390 5.46 19.72 -10.33
N ILE A 391 5.21 19.11 -9.18
CA ILE A 391 3.97 19.28 -8.43
C ILE A 391 4.33 19.77 -7.02
N PRO A 392 3.68 20.84 -6.54
CA PRO A 392 3.98 21.37 -5.19
C PRO A 392 3.43 20.48 -4.10
N SER A 393 4.12 20.43 -2.96
CA SER A 393 3.66 19.65 -1.83
C SER A 393 2.29 20.11 -1.34
N LYS A 394 1.99 21.39 -1.45
CA LYS A 394 0.75 21.94 -0.90
C LYS A 394 -0.43 21.75 -1.83
N ARG A 395 -0.21 21.15 -3.00
CA ARG A 395 -1.28 20.89 -3.97
C ARG A 395 -1.37 19.42 -4.32
N PHE A 396 -0.72 18.57 -3.53
CA PHE A 396 -0.60 17.14 -3.81
C PHE A 396 -1.43 16.31 -2.84
N LEU A 397 -2.15 15.34 -3.40
CA LEU A 397 -2.82 14.30 -2.62
C LEU A 397 -2.64 13.00 -3.38
N GLY A 398 -2.22 11.96 -2.67
CA GLY A 398 -2.17 10.67 -3.30
C GLY A 398 -3.02 9.65 -2.60
N ILE A 399 -3.30 8.53 -3.26
CA ILE A 399 -4.09 7.44 -2.70
C ILE A 399 -3.25 6.18 -2.75
N THR A 400 -3.38 5.34 -1.73
CA THR A 400 -2.75 4.04 -1.73
C THR A 400 -3.79 2.96 -1.46
N GLY A 401 -3.44 1.74 -1.82
CA GLY A 401 -4.37 0.64 -1.75
C GLY A 401 -5.40 0.69 -2.87
N SER A 402 -6.30 -0.29 -2.83
CA SER A 402 -7.34 -0.43 -3.82
C SER A 402 -8.49 -1.23 -3.23
N PRO A 403 -9.73 -0.95 -3.64
CA PRO A 403 -10.86 -1.79 -3.20
C PRO A 403 -10.94 -3.13 -3.90
N LYS A 404 -10.12 -3.38 -4.90
CA LYS A 404 -10.18 -4.65 -5.62
C LYS A 404 -9.56 -5.80 -4.84
N PHE A 405 -8.72 -5.51 -3.84
CA PHE A 405 -7.95 -6.56 -3.21
C PHE A 405 -8.64 -7.00 -1.93
N ASP A 406 -8.46 -8.28 -1.60
CA ASP A 406 -9.26 -8.93 -0.57
C ASP A 406 -8.59 -8.70 0.79
N SER A 407 -8.58 -7.42 1.19
CA SER A 407 -7.93 -7.07 2.43
C SER A 407 -8.61 -7.71 3.64
N TYR A 408 -9.93 -7.91 3.58
CA TYR A 408 -10.62 -8.51 4.71
C TYR A 408 -10.86 -10.00 4.51
N GLY A 409 -10.15 -10.63 3.58
CA GLY A 409 -10.15 -12.07 3.49
C GLY A 409 -9.05 -12.77 4.24
N VAL A 410 -8.17 -12.04 4.93
CA VAL A 410 -7.01 -12.59 5.61
C VAL A 410 -7.42 -13.20 6.94
N ASP A 411 -7.92 -14.43 6.90
CA ASP A 411 -8.39 -15.15 8.07
C ASP A 411 -7.41 -16.27 8.39
N PHE A 412 -6.60 -16.06 9.44
CA PHE A 412 -5.67 -17.08 9.91
C PHE A 412 -6.35 -18.24 10.63
N GLY A 413 -7.66 -18.23 10.75
CA GLY A 413 -8.35 -19.20 11.60
C GLY A 413 -9.04 -18.61 12.81
N TRP A 414 -8.83 -17.33 13.14
CA TRP A 414 -9.54 -16.67 14.24
C TRP A 414 -10.64 -15.74 13.74
N GLY A 415 -10.95 -15.77 12.45
CA GLY A 415 -11.91 -14.86 11.87
C GLY A 415 -11.22 -13.79 11.02
N LYS A 416 -12.03 -13.13 10.18
CA LYS A 416 -11.51 -12.06 9.35
C LYS A 416 -11.11 -10.86 10.22
N PRO A 417 -10.25 -9.97 9.69
CA PRO A 417 -9.74 -8.86 10.51
C PRO A 417 -10.88 -7.96 10.95
N ALA A 418 -10.72 -7.36 12.12
CA ALA A 418 -11.66 -6.31 12.49
C ALA A 418 -11.34 -4.98 11.80
N LYS A 419 -10.12 -4.81 11.32
CA LYS A 419 -9.67 -3.56 10.75
C LYS A 419 -8.34 -3.80 10.03
N PHE A 420 -8.23 -3.28 8.81
CA PHE A 420 -7.05 -3.39 7.98
C PHE A 420 -6.55 -1.98 7.71
N ASP A 421 -5.39 -1.63 8.24
CA ASP A 421 -4.84 -0.28 8.11
C ASP A 421 -3.59 -0.30 7.23
N ILE A 422 -3.53 0.58 6.22
CA ILE A 422 -2.30 0.73 5.42
C ILE A 422 -1.53 1.85 6.09
N THR A 423 -0.75 1.48 7.11
CA THR A 423 -0.13 2.45 8.00
C THR A 423 0.90 3.33 7.29
N SER A 424 1.45 2.88 6.17
CA SER A 424 2.46 3.77 5.60
C SER A 424 1.86 5.06 5.00
N VAL A 425 0.55 5.18 5.08
CA VAL A 425 -0.13 6.41 4.68
C VAL A 425 0.33 7.67 5.44
N ASP A 426 0.90 7.57 6.65
CA ASP A 426 1.22 8.78 7.42
C ASP A 426 2.50 9.48 6.93
N TYR A 427 3.28 8.86 6.06
CA TYR A 427 4.56 9.43 5.65
C TYR A 427 4.42 10.55 4.62
N ALA A 428 3.20 10.95 4.26
CA ALA A 428 2.98 11.89 3.17
C ALA A 428 1.49 12.23 3.18
N GLU A 429 1.09 13.15 2.30
CA GLU A 429 -0.32 13.53 2.20
C GLU A 429 -1.02 12.49 1.33
N LEU A 430 -1.30 11.35 1.96
CA LEU A 430 -1.95 10.23 1.28
C LEU A 430 -3.20 9.82 2.02
N ILE A 431 -4.10 9.18 1.31
CA ILE A 431 -5.22 8.47 1.89
C ILE A 431 -5.12 7.03 1.43
N TYR A 432 -5.95 6.17 2.01
CA TYR A 432 -6.04 4.81 1.53
C TYR A 432 -7.49 4.41 1.38
N VAL A 433 -7.73 3.54 0.41
CA VAL A 433 -9.07 3.07 0.10
C VAL A 433 -9.00 1.56 -0.05
N ILE A 434 -9.83 0.85 0.70
CA ILE A 434 -9.83 -0.61 0.72
C ILE A 434 -11.26 -1.11 0.71
N GLN A 435 -11.39 -2.41 0.42
CA GLN A 435 -12.63 -3.14 0.50
C GLN A 435 -13.24 -2.96 1.88
N SER A 436 -14.52 -2.63 1.94
CA SER A 436 -15.20 -2.52 3.22
C SER A 436 -15.40 -3.89 3.82
N ARG A 437 -15.11 -4.02 5.12
CA ARG A 437 -15.38 -5.29 5.81
C ARG A 437 -16.88 -5.57 5.88
N ASP A 438 -17.68 -4.56 6.22
CA ASP A 438 -19.08 -4.80 6.54
C ASP A 438 -20.03 -4.65 5.37
N PHE A 439 -19.64 -4.01 4.27
CA PHE A 439 -20.55 -3.67 3.17
C PHE A 439 -20.01 -4.23 1.84
N GLU A 440 -20.82 -5.06 1.19
CA GLU A 440 -20.44 -5.90 0.07
C GLU A 440 -19.66 -5.17 -1.01
N LYS A 441 -20.22 -4.11 -1.57
CA LYS A 441 -19.53 -3.34 -2.59
C LYS A 441 -19.15 -1.95 -2.10
N GLY A 442 -19.02 -1.77 -0.78
CA GLY A 442 -18.62 -0.51 -0.20
C GLY A 442 -17.11 -0.44 -0.03
N VAL A 443 -16.65 0.72 0.47
CA VAL A 443 -15.24 0.98 0.67
C VAL A 443 -15.00 1.53 2.06
N GLU A 444 -13.72 1.54 2.46
CA GLU A 444 -13.23 2.19 3.68
C GLU A 444 -12.14 3.18 3.27
N ILE A 445 -12.25 4.44 3.72
CA ILE A 445 -11.23 5.45 3.45
C ILE A 445 -10.48 5.71 4.74
N GLY A 446 -9.16 5.49 4.71
CA GLY A 446 -8.30 5.84 5.81
C GLY A 446 -7.63 7.16 5.52
N VAL A 447 -7.84 8.13 6.41
CA VAL A 447 -7.39 9.51 6.25
C VAL A 447 -6.34 9.80 7.33
N SER A 448 -5.37 10.64 7.01
CA SER A 448 -4.21 10.85 7.85
C SER A 448 -3.93 12.35 7.86
N LEU A 449 -4.35 13.01 8.94
CA LEU A 449 -4.34 14.47 9.03
C LEU A 449 -4.01 14.88 10.45
N PRO A 450 -3.44 16.07 10.64
CA PRO A 450 -3.38 16.65 11.99
C PRO A 450 -4.77 16.83 12.55
N LYS A 451 -4.87 16.72 13.88
CA LYS A 451 -6.16 16.73 14.57
C LYS A 451 -7.06 17.89 14.13
N ILE A 452 -6.52 19.11 14.13
CA ILE A 452 -7.37 20.27 13.83
C ILE A 452 -7.81 20.23 12.38
N HIS A 453 -6.89 19.86 11.49
CA HIS A 453 -7.27 19.68 10.10
C HIS A 453 -8.22 18.50 9.92
N MET A 454 -7.99 17.40 10.65
CA MET A 454 -8.95 16.29 10.59
C MET A 454 -10.36 16.76 10.92
N ASP A 455 -10.50 17.56 11.98
CA ASP A 455 -11.81 18.08 12.37
C ASP A 455 -12.52 18.72 11.18
N ALA A 456 -11.85 19.68 10.54
CA ALA A 456 -12.40 20.33 9.35
C ALA A 456 -12.83 19.31 8.30
N PHE A 457 -11.97 18.33 8.01
CA PHE A 457 -12.26 17.33 6.98
C PHE A 457 -13.53 16.55 7.32
N ALA A 458 -13.64 16.06 8.56
CA ALA A 458 -14.82 15.28 8.94
C ALA A 458 -16.08 16.13 8.81
N LYS A 459 -15.99 17.40 9.18
CA LYS A 459 -17.10 18.32 9.00
C LYS A 459 -17.66 18.20 7.58
N ILE A 460 -16.85 18.52 6.57
CA ILE A 460 -17.28 18.53 5.16
C ILE A 460 -17.66 17.13 4.70
N PHE A 461 -16.87 16.12 5.07
CA PHE A 461 -17.13 14.78 4.57
C PHE A 461 -18.52 14.31 5.00
N GLU A 462 -18.82 14.39 6.29
CA GLU A 462 -20.14 14.04 6.80
C GLU A 462 -21.20 15.02 6.33
N GLU A 463 -20.82 16.28 6.11
CA GLU A 463 -21.70 17.38 5.74
C GLU A 463 -22.46 17.12 4.45
N GLY A 464 -22.20 17.94 3.44
CA GLY A 464 -22.91 17.81 2.20
C GLY A 464 -22.70 16.44 1.58
N PHE A 465 -23.71 15.59 1.76
CA PHE A 465 -23.74 14.19 1.33
C PHE A 465 -24.91 13.47 2.04
#